data_5B82
#
_entry.id   5B82
#
_cell.length_a   101.246
_cell.length_b   101.246
_cell.length_c   33.076
_cell.angle_alpha   90.00
_cell.angle_beta   90.00
_cell.angle_gamma   90.00
#
_symmetry.space_group_name_H-M   'P 42 21 2'
#
loop_
_entity.id
_entity.type
_entity.pdbx_description
1 polymer 'Tll0287 protein'
2 non-polymer 'HEME C'
3 non-polymer 'CHLORIDE ION'
4 water water
#
_entity_poly.entity_id   1
_entity_poly.type   'polypeptide(L)'
_entity_poly.pdbx_seq_one_letter_code
;MVRIFLMALLMASLWIQGSPAPLASANPEELGKVVTAIEQLDQMRIGLASTLEGGTSEPTLDTFKAVCAPVGKQAKEIAA
ANGWQVRQVALKYRNPNHAPRTALDVQALNQFDNNHHLQAFWQTDKEGVHYFRRIDVQASCLACHGAKNRRPAFIQEKYP
SDRAYGFRVGDLRGMYAVTIPQIQQALQTSP
;
_entity_poly.pdbx_strand_id   A
#
# COMPACT_ATOMS: atom_id res chain seq x y z
N ALA A 26 8.73 10.70 18.95
CA ALA A 26 7.31 10.78 18.60
C ALA A 26 6.45 11.32 19.74
N ASN A 27 5.39 12.06 19.39
CA ASN A 27 4.48 12.63 20.38
C ASN A 27 3.01 12.32 19.99
N PRO A 28 2.04 12.61 20.88
CA PRO A 28 0.65 12.29 20.55
C PRO A 28 0.16 12.81 19.18
N GLU A 29 0.38 14.11 18.97
CA GLU A 29 -0.05 14.75 17.74
CA GLU A 29 -0.04 14.76 17.74
C GLU A 29 0.60 14.07 16.54
N GLU A 30 1.86 13.70 16.67
CA GLU A 30 2.57 13.03 15.56
C GLU A 30 2.01 11.64 15.22
N LEU A 31 1.71 10.86 16.24
CA LEU A 31 1.11 9.55 16.03
C LEU A 31 -0.23 9.70 15.28
N GLY A 32 -1.05 10.64 15.77
CA GLY A 32 -2.34 10.86 15.10
C GLY A 32 -2.18 11.32 13.65
N LYS A 33 -1.21 12.21 13.43
CA LYS A 33 -0.89 12.71 12.10
C LYS A 33 -0.50 11.56 11.16
N VAL A 34 0.26 10.60 11.67
CA VAL A 34 0.57 9.41 10.88
C VAL A 34 -0.71 8.63 10.50
N VAL A 35 -1.55 8.33 11.49
CA VAL A 35 -2.80 7.59 11.16
C VAL A 35 -3.64 8.31 10.10
N THR A 36 -3.80 9.62 10.28
CA THR A 36 -4.59 10.42 9.35
C THR A 36 -3.98 10.44 7.95
N ALA A 37 -2.67 10.67 7.88
CA ALA A 37 -1.98 10.73 6.58
C ALA A 37 -2.15 9.42 5.81
N ILE A 38 -1.93 8.31 6.51
CA ILE A 38 -2.08 7.01 5.84
C ILE A 38 -3.53 6.76 5.38
N GLU A 39 -4.48 7.07 6.23
CA GLU A 39 -5.88 6.87 5.86
C GLU A 39 -6.28 7.74 4.65
N GLN A 40 -5.74 8.95 4.59
CA GLN A 40 -5.99 9.85 3.46
C GLN A 40 -5.37 9.31 2.17
N LEU A 41 -4.17 8.75 2.29
N LEU A 41 -4.16 8.76 2.29
CA LEU A 41 -3.53 8.10 1.15
CA LEU A 41 -3.53 8.06 1.17
C LEU A 41 -4.38 6.93 0.62
C LEU A 41 -4.43 6.96 0.63
N ASP A 42 -4.94 6.15 1.55
CA ASP A 42 -5.77 5.01 1.19
C ASP A 42 -7.07 5.44 0.49
N GLN A 43 -7.72 6.44 1.06
CA GLN A 43 -8.96 6.95 0.48
C GLN A 43 -8.68 7.59 -0.87
N MET A 44 -7.47 8.12 -1.03
CA MET A 44 -7.06 8.67 -2.32
C MET A 44 -6.99 7.57 -3.36
N ARG A 45 -6.30 6.48 -3.03
CA ARG A 45 -6.24 5.40 -4.01
C ARG A 45 -7.63 4.90 -4.37
N ILE A 46 -8.43 4.64 -3.34
CA ILE A 46 -9.79 4.14 -3.56
C ILE A 46 -10.57 5.07 -4.48
N GLY A 47 -10.41 6.36 -4.25
CA GLY A 47 -11.04 7.38 -5.06
C GLY A 47 -10.60 7.35 -6.51
N LEU A 48 -9.31 7.20 -6.76
CA LEU A 48 -8.83 7.14 -8.14
C LEU A 48 -9.35 5.89 -8.85
N ALA A 49 -9.34 4.76 -8.15
CA ALA A 49 -9.79 3.50 -8.75
C ALA A 49 -11.30 3.42 -8.93
N SER A 50 -12.05 4.22 -8.17
CA SER A 50 -13.52 4.09 -8.13
C SER A 50 -14.28 4.15 -9.46
N THR A 51 -13.71 4.83 -10.46
CA THR A 51 -14.40 4.98 -11.74
C THR A 51 -14.32 3.73 -12.60
N LEU A 52 -13.53 2.76 -12.18
CA LEU A 52 -13.30 1.56 -12.99
C LEU A 52 -14.13 0.38 -12.48
N GLU A 53 -14.66 -0.42 -13.40
CA GLU A 53 -15.40 -1.62 -13.02
C GLU A 53 -14.47 -2.83 -12.88
N GLY A 54 -14.93 -3.86 -12.17
CA GLY A 54 -14.14 -5.06 -11.97
C GLY A 54 -14.50 -6.21 -12.90
N GLY A 55 -15.80 -6.34 -13.19
CA GLY A 55 -16.30 -7.43 -14.01
C GLY A 55 -15.98 -7.29 -15.49
N THR A 56 -15.44 -6.14 -15.89
CA THR A 56 -15.07 -5.93 -17.28
C THR A 56 -13.87 -6.79 -17.67
N SER A 57 -14.08 -7.68 -18.64
CA SER A 57 -13.01 -8.54 -19.12
C SER A 57 -12.12 -7.78 -20.10
N GLU A 58 -12.74 -7.36 -21.21
CA GLU A 58 -12.05 -6.71 -22.32
C GLU A 58 -11.26 -5.47 -21.91
N PRO A 59 -10.24 -5.11 -22.71
CA PRO A 59 -9.44 -3.90 -22.46
C PRO A 59 -10.26 -2.62 -22.60
N THR A 60 -9.93 -1.60 -21.82
CA THR A 60 -10.55 -0.28 -21.94
C THR A 60 -9.50 0.80 -21.76
N LEU A 61 -9.73 1.96 -22.39
CA LEU A 61 -8.81 3.09 -22.32
C LEU A 61 -8.63 3.61 -20.90
N ASP A 62 -9.71 3.56 -20.12
CA ASP A 62 -9.68 4.01 -18.74
C ASP A 62 -8.59 3.36 -17.90
N THR A 63 -8.13 2.17 -18.30
CA THR A 63 -7.08 1.50 -17.53
C THR A 63 -5.72 2.17 -17.65
N PHE A 64 -5.55 3.05 -18.64
CA PHE A 64 -4.31 3.82 -18.75
C PHE A 64 -4.29 4.99 -17.76
N LYS A 65 -5.33 5.10 -16.96
CA LYS A 65 -5.41 6.11 -15.91
C LYS A 65 -4.42 5.81 -14.79
N ALA A 66 -3.78 6.86 -14.27
CA ALA A 66 -2.88 6.71 -13.14
C ALA A 66 -3.69 6.49 -11.88
N VAL A 67 -3.41 5.40 -11.19
CA VAL A 67 -4.14 5.10 -9.97
C VAL A 67 -3.17 4.96 -8.80
N CYS A 68 -2.23 4.03 -8.93
CA CYS A 68 -1.35 3.71 -7.80
C CYS A 68 -0.01 4.47 -7.79
N ALA A 69 0.50 4.86 -8.96
CA ALA A 69 1.73 5.66 -9.01
C ALA A 69 1.68 6.95 -8.17
N PRO A 70 0.59 7.74 -8.32
CA PRO A 70 0.50 8.93 -7.45
C PRO A 70 0.44 8.61 -5.96
N VAL A 71 -0.01 7.40 -5.60
CA VAL A 71 0.03 6.98 -4.20
C VAL A 71 1.47 6.88 -3.71
N GLY A 72 2.32 6.23 -4.50
CA GLY A 72 3.73 6.10 -4.16
C GLY A 72 4.43 7.45 -4.11
N LYS A 73 4.11 8.31 -5.08
CA LYS A 73 4.68 9.66 -5.10
C LYS A 73 4.31 10.40 -3.81
N GLN A 74 3.03 10.33 -3.46
CA GLN A 74 2.54 11.02 -2.28
C GLN A 74 3.19 10.47 -1.02
N ALA A 75 3.39 9.15 -1.00
CA ALA A 75 4.08 8.51 0.11
C ALA A 75 5.49 9.09 0.27
N LYS A 76 6.22 9.21 -0.83
CA LYS A 76 7.54 9.83 -0.76
C LYS A 76 7.48 11.26 -0.23
N GLU A 77 6.48 12.01 -0.70
CA GLU A 77 6.30 13.40 -0.24
C GLU A 77 6.03 13.50 1.26
N ILE A 78 5.21 12.61 1.79
CA ILE A 78 4.88 12.57 3.21
C ILE A 78 6.12 12.21 4.03
N ALA A 79 6.82 11.17 3.56
CA ALA A 79 8.06 10.72 4.19
C ALA A 79 9.04 11.89 4.32
N ALA A 80 9.23 12.62 3.21
CA ALA A 80 10.21 13.71 3.19
C ALA A 80 9.77 14.89 4.02
N ALA A 81 8.49 15.22 3.94
CA ALA A 81 7.96 16.38 4.65
C ALA A 81 7.97 16.18 6.17
N ASN A 82 7.85 14.92 6.60
CA ASN A 82 7.72 14.67 8.03
C ASN A 82 8.94 14.04 8.73
N GLY A 83 9.94 13.66 7.96
CA GLY A 83 11.07 12.94 8.53
C GLY A 83 10.68 11.53 8.93
N TRP A 84 9.70 10.95 8.22
CA TRP A 84 9.31 9.57 8.42
C TRP A 84 9.86 8.73 7.29
N GLN A 85 9.83 7.41 7.46
CA GLN A 85 9.93 6.51 6.32
C GLN A 85 8.50 6.06 6.04
N VAL A 86 8.08 6.12 4.79
CA VAL A 86 6.72 5.71 4.41
C VAL A 86 6.84 4.86 3.15
N ARG A 87 6.23 3.69 3.16
CA ARG A 87 6.39 2.76 2.06
C ARG A 87 5.26 1.74 1.98
N GLN A 88 4.79 1.46 0.77
CA GLN A 88 3.87 0.36 0.55
C GLN A 88 4.67 -0.92 0.51
N VAL A 89 4.12 -1.97 1.09
CA VAL A 89 4.79 -3.26 1.13
C VAL A 89 3.79 -4.34 0.79
N ALA A 90 4.16 -5.23 -0.13
CA ALA A 90 3.29 -6.35 -0.49
C ALA A 90 4.12 -7.59 -0.84
N LEU A 91 3.60 -8.74 -0.44
CA LEU A 91 4.19 -10.02 -0.81
C LEU A 91 4.19 -10.16 -2.33
N LYS A 92 3.06 -9.83 -2.95
CA LYS A 92 2.92 -9.84 -4.40
C LYS A 92 2.94 -8.40 -4.88
N TYR A 93 4.13 -7.91 -5.21
CA TYR A 93 4.34 -6.51 -5.56
C TYR A 93 4.52 -6.29 -7.05
N ARG A 94 4.20 -5.08 -7.48
CA ARG A 94 4.38 -4.68 -8.86
C ARG A 94 5.68 -3.91 -8.99
N ASN A 95 5.85 -2.93 -8.10
CA ASN A 95 7.08 -2.16 -8.05
C ASN A 95 8.06 -2.84 -7.09
N PRO A 96 9.27 -3.17 -7.56
CA PRO A 96 10.22 -3.88 -6.71
C PRO A 96 10.61 -3.13 -5.44
N ASN A 97 10.33 -1.83 -5.39
CA ASN A 97 10.62 -1.05 -4.18
C ASN A 97 9.65 -1.37 -3.04
N HIS A 98 8.63 -2.17 -3.36
CA HIS A 98 7.58 -2.46 -2.41
C HIS A 98 7.65 -3.90 -1.86
N ALA A 99 8.79 -4.55 -2.03
CA ALA A 99 8.95 -5.90 -1.51
C ALA A 99 9.10 -5.88 0.01
N PRO A 100 8.75 -6.99 0.67
CA PRO A 100 9.10 -7.06 2.09
C PRO A 100 10.63 -7.05 2.22
N ARG A 101 11.16 -6.38 3.23
CA ARG A 101 12.61 -6.27 3.38
C ARG A 101 13.11 -6.83 4.70
N THR A 102 12.28 -6.76 5.73
CA THR A 102 12.69 -7.14 7.07
C THR A 102 11.75 -8.16 7.68
N ALA A 103 12.21 -8.78 8.78
CA ALA A 103 11.40 -9.69 9.57
C ALA A 103 10.15 -9.00 10.07
N LEU A 104 10.25 -7.70 10.32
CA LEU A 104 9.08 -6.95 10.76
C LEU A 104 8.03 -6.81 9.65
N ASP A 105 8.48 -6.58 8.42
CA ASP A 105 7.54 -6.52 7.31
C ASP A 105 6.73 -7.82 7.24
N VAL A 106 7.44 -8.94 7.30
CA VAL A 106 6.83 -10.25 7.17
C VAL A 106 5.91 -10.51 8.34
N GLN A 107 6.35 -10.13 9.53
CA GLN A 107 5.56 -10.27 10.75
C GLN A 107 4.25 -9.50 10.64
N ALA A 108 4.31 -8.28 10.09
CA ALA A 108 3.15 -7.41 10.03
C ALA A 108 2.15 -7.97 9.02
N LEU A 109 2.66 -8.32 7.85
CA LEU A 109 1.82 -8.94 6.82
C LEU A 109 1.17 -10.19 7.37
N ASN A 110 1.93 -11.02 8.09
CA ASN A 110 1.37 -12.16 8.78
C ASN A 110 0.24 -11.80 9.74
N GLN A 111 0.41 -10.74 10.53
CA GLN A 111 -0.62 -10.32 11.48
CA GLN A 111 -0.62 -10.33 11.47
C GLN A 111 -1.91 -9.98 10.72
N PHE A 112 -1.77 -9.20 9.66
CA PHE A 112 -2.94 -8.87 8.84
C PHE A 112 -3.58 -10.13 8.26
N ASP A 113 -2.76 -11.03 7.72
CA ASP A 113 -3.25 -12.25 7.10
C ASP A 113 -4.00 -13.15 8.08
N ASN A 114 -3.57 -13.14 9.34
CA ASN A 114 -4.15 -14.04 10.33
C ASN A 114 -5.35 -13.48 11.07
N ASN A 115 -5.58 -12.18 10.93
CA ASN A 115 -6.75 -11.53 11.54
C ASN A 115 -7.43 -10.59 10.56
N HIS A 116 -8.46 -11.06 9.87
CA HIS A 116 -9.08 -10.22 8.84
C HIS A 116 -9.70 -8.92 9.38
N HIS A 117 -10.03 -8.91 10.67
CA HIS A 117 -10.60 -7.73 11.29
C HIS A 117 -9.51 -6.70 11.65
N LEU A 118 -8.26 -7.15 11.70
CA LEU A 118 -7.18 -6.24 12.10
C LEU A 118 -6.92 -5.22 11.01
N GLN A 119 -7.24 -3.95 11.27
CA GLN A 119 -7.02 -2.93 10.24
C GLN A 119 -5.64 -2.30 10.27
N ALA A 120 -5.09 -2.10 11.47
CA ALA A 120 -3.79 -1.45 11.60
C ALA A 120 -3.22 -1.65 12.97
N PHE A 121 -1.92 -1.43 13.11
CA PHE A 121 -1.36 -1.49 14.44
C PHE A 121 -0.05 -0.72 14.49
N TRP A 122 0.34 -0.29 15.69
CA TRP A 122 1.67 0.25 15.81
CA TRP A 122 1.60 0.40 15.99
C TRP A 122 2.50 -0.49 16.83
N GLN A 123 3.80 -0.53 16.54
CA GLN A 123 4.75 -1.35 17.30
C GLN A 123 5.97 -0.51 17.57
N THR A 124 6.60 -0.67 18.73
CA THR A 124 7.80 0.08 19.03
C THR A 124 8.99 -0.84 19.22
N ASP A 125 10.14 -0.42 18.70
CA ASP A 125 11.37 -1.16 18.94
C ASP A 125 12.58 -0.22 18.87
N LYS A 126 13.77 -0.81 18.85
CA LYS A 126 14.99 0.01 18.82
C LYS A 126 14.99 1.00 17.65
N GLU A 127 14.32 0.66 16.55
CA GLU A 127 14.39 1.50 15.37
C GLU A 127 13.45 2.69 15.48
N GLY A 128 12.42 2.56 16.33
CA GLY A 128 11.52 3.67 16.58
C GLY A 128 10.07 3.17 16.67
N VAL A 129 9.14 4.02 16.21
CA VAL A 129 7.72 3.69 16.17
C VAL A 129 7.30 3.33 14.74
N HIS A 130 6.60 2.20 14.58
CA HIS A 130 6.25 1.70 13.26
C HIS A 130 4.74 1.51 13.21
N TYR A 131 4.09 2.09 12.20
CA TYR A 131 2.67 1.93 12.03
C TYR A 131 2.43 1.20 10.73
N PHE A 132 1.52 0.22 10.77
CA PHE A 132 1.18 -0.57 9.59
C PHE A 132 -0.33 -0.51 9.42
N ARG A 133 -0.78 -0.41 8.18
CA ARG A 133 -2.21 -0.35 7.91
C ARG A 133 -2.50 -1.23 6.72
N ARG A 134 -3.37 -2.22 6.91
CA ARG A 134 -3.66 -3.16 5.84
C ARG A 134 -4.31 -2.50 4.61
N ILE A 135 -4.04 -3.08 3.45
CA ILE A 135 -4.69 -2.70 2.21
C ILE A 135 -5.44 -3.93 1.68
N ASP A 136 -6.75 -3.81 1.51
CA ASP A 136 -7.51 -4.92 0.99
C ASP A 136 -7.85 -4.70 -0.48
N VAL A 137 -8.25 -5.77 -1.15
CA VAL A 137 -8.60 -5.69 -2.56
C VAL A 137 -10.10 -5.42 -2.72
N GLN A 138 -10.45 -4.34 -3.41
CA GLN A 138 -11.84 -4.12 -3.85
C GLN A 138 -12.03 -4.48 -5.33
N ALA A 139 -13.28 -4.48 -5.79
CA ALA A 139 -13.59 -4.86 -7.17
C ALA A 139 -12.88 -4.03 -8.23
N SER A 140 -12.79 -2.73 -8.00
CA SER A 140 -12.17 -1.83 -8.97
C SER A 140 -10.72 -2.24 -9.24
N CYS A 141 -10.03 -2.65 -8.18
CA CYS A 141 -8.61 -3.00 -8.25
C CYS A 141 -8.36 -4.12 -9.26
N LEU A 142 -9.34 -4.99 -9.43
CA LEU A 142 -9.21 -6.13 -10.32
C LEU A 142 -9.02 -5.70 -11.77
N ALA A 143 -9.26 -4.42 -12.08
CA ALA A 143 -8.97 -3.91 -13.41
C ALA A 143 -7.49 -4.07 -13.77
N CYS A 144 -6.61 -3.99 -12.77
CA CYS A 144 -5.16 -4.02 -13.05
C CYS A 144 -4.40 -5.04 -12.19
N HIS A 145 -5.07 -5.55 -11.17
CA HIS A 145 -4.50 -6.56 -10.28
C HIS A 145 -5.33 -7.83 -10.28
N GLY A 146 -6.24 -7.95 -11.25
CA GLY A 146 -7.07 -9.13 -11.40
C GLY A 146 -6.36 -10.22 -12.18
N ALA A 147 -7.04 -10.77 -13.18
CA ALA A 147 -6.47 -11.85 -13.98
C ALA A 147 -5.17 -11.42 -14.64
N LYS A 148 -4.18 -12.32 -14.59
CA LYS A 148 -2.86 -12.04 -15.14
C LYS A 148 -2.95 -11.70 -16.61
N ASN A 149 -3.81 -12.42 -17.32
CA ASN A 149 -3.99 -12.26 -18.75
C ASN A 149 -4.76 -10.99 -19.13
N ARG A 150 -5.35 -10.32 -18.13
CA ARG A 150 -6.15 -9.13 -18.39
C ARG A 150 -5.52 -7.84 -17.89
N ARG A 151 -4.21 -7.86 -17.70
CA ARG A 151 -3.48 -6.67 -17.28
C ARG A 151 -3.30 -5.71 -18.46
N PRO A 152 -3.56 -4.41 -18.22
CA PRO A 152 -3.38 -3.36 -19.24
C PRO A 152 -1.98 -3.39 -19.86
N ALA A 153 -1.89 -3.08 -21.15
CA ALA A 153 -0.69 -3.28 -21.95
C ALA A 153 0.63 -2.82 -21.32
N PHE A 154 0.69 -1.56 -20.88
CA PHE A 154 1.94 -0.97 -20.41
C PHE A 154 2.49 -1.63 -19.15
N ILE A 155 1.63 -2.29 -18.37
CA ILE A 155 2.02 -2.90 -17.11
C ILE A 155 3.20 -3.85 -17.24
N GLN A 156 3.09 -4.82 -18.15
CA GLN A 156 4.07 -5.89 -18.26
C GLN A 156 5.48 -5.41 -18.60
N GLU A 157 5.60 -4.47 -19.53
CA GLU A 157 6.92 -3.99 -19.95
C GLU A 157 7.49 -2.93 -19.01
N LYS A 158 6.62 -2.30 -18.24
CA LYS A 158 7.05 -1.32 -17.25
C LYS A 158 7.43 -2.07 -15.97
N TYR A 159 6.83 -3.24 -15.78
CA TYR A 159 7.06 -4.06 -14.59
C TYR A 159 7.26 -5.52 -14.95
N PRO A 160 8.47 -5.86 -15.46
CA PRO A 160 8.78 -7.21 -15.94
C PRO A 160 8.67 -8.29 -14.86
N SER A 161 8.92 -7.92 -13.61
CA SER A 161 8.87 -8.87 -12.50
C SER A 161 7.58 -8.76 -11.69
N ASP A 162 6.51 -8.28 -12.32
CA ASP A 162 5.24 -8.08 -11.64
C ASP A 162 4.70 -9.36 -11.03
N ARG A 163 4.13 -9.26 -9.83
CA ARG A 163 3.46 -10.38 -9.17
C ARG A 163 2.09 -9.93 -8.65
N ALA A 164 1.78 -8.66 -8.83
CA ALA A 164 0.55 -8.09 -8.26
C ALA A 164 -0.70 -8.39 -9.08
N TYR A 165 -0.97 -9.67 -9.28
CA TYR A 165 -2.18 -10.09 -10.00
C TYR A 165 -2.77 -11.33 -9.36
N GLY A 166 -3.93 -11.74 -9.86
CA GLY A 166 -4.58 -12.94 -9.37
C GLY A 166 -5.32 -12.75 -8.06
N PHE A 167 -5.58 -11.51 -7.69
CA PHE A 167 -6.34 -11.22 -6.48
C PHE A 167 -7.85 -11.41 -6.68
N ARG A 168 -8.56 -11.63 -5.57
CA ARG A 168 -10.01 -11.61 -5.56
C ARG A 168 -10.49 -10.56 -4.57
N VAL A 169 -11.73 -10.12 -4.72
CA VAL A 169 -12.30 -9.13 -3.80
C VAL A 169 -12.25 -9.65 -2.38
N GLY A 170 -11.59 -8.90 -1.50
CA GLY A 170 -11.48 -9.28 -0.10
C GLY A 170 -10.10 -9.78 0.28
N ASP A 171 -9.27 -10.06 -0.72
CA ASP A 171 -7.89 -10.50 -0.46
C ASP A 171 -7.07 -9.45 0.26
N LEU A 172 -6.04 -9.90 0.99
CA LEU A 172 -5.04 -8.96 1.51
C LEU A 172 -4.08 -8.56 0.40
N ARG A 173 -4.09 -7.27 0.04
CA ARG A 173 -3.28 -6.76 -1.05
C ARG A 173 -1.84 -6.48 -0.61
N GLY A 174 -1.69 -5.98 0.60
CA GLY A 174 -0.42 -5.53 1.15
C GLY A 174 -0.72 -4.61 2.30
N MET A 175 0.18 -3.66 2.56
CA MET A 175 0.02 -2.76 3.70
C MET A 175 0.77 -1.46 3.46
N TYR A 176 0.40 -0.41 4.19
CA TYR A 176 1.26 0.77 4.31
C TYR A 176 2.16 0.56 5.53
N ALA A 177 3.40 1.04 5.46
CA ALA A 177 4.35 0.94 6.58
C ALA A 177 4.99 2.30 6.82
N VAL A 178 4.87 2.82 8.03
CA VAL A 178 5.50 4.07 8.39
C VAL A 178 6.43 3.89 9.58
N THR A 179 7.59 4.53 9.54
CA THR A 179 8.48 4.54 10.70
C THR A 179 8.77 5.96 11.15
N ILE A 180 8.55 6.22 12.44
CA ILE A 180 9.06 7.43 13.06
C ILE A 180 10.38 7.05 13.76
N PRO A 181 11.51 7.39 13.14
CA PRO A 181 12.82 6.93 13.62
C PRO A 181 13.11 7.33 15.07
N GLN A 182 13.82 6.46 15.79
CA GLN A 182 14.25 6.74 17.15
C GLN A 182 15.12 8.00 17.22
N ILE A 183 16.09 8.12 16.32
CA ILE A 183 16.92 9.32 16.22
C ILE A 183 16.46 10.26 15.09
N GLN A 184 16.08 11.48 15.44
CA GLN A 184 15.69 12.50 14.48
C GLN A 184 16.91 13.31 14.04
N GLN A 185 16.68 14.36 13.27
CA GLN A 185 17.78 15.25 12.87
C GLN A 185 17.72 16.60 13.60
N ALA A 186 16.52 17.00 14.00
CA ALA A 186 16.34 18.24 14.75
C ALA A 186 15.27 18.11 15.82
#